data_7NLU
#
_entry.id   7NLU
#
_cell.length_a   174.487
_cell.length_b   174.487
_cell.length_c   71.730
_cell.angle_alpha   90.000
_cell.angle_beta   90.000
_cell.angle_gamma   120.000
#
_symmetry.space_group_name_H-M   'H 3 2'
#
loop_
_entity.id
_entity.type
_entity.pdbx_description
1 polymer 'Acetylglutamate kinase'
2 non-polymer 'SULFATE ION'
3 non-polymer 1-(1~{H}-indol-3-yl)ethanone
4 water water
#
_entity_poly.entity_id   1
_entity_poly.type   'polypeptide(L)'
_entity_poly.pdbx_seq_one_letter_code
;GSMVSRIEALPTHIKAQVLAEALPWLKQLHGKVVVVKYGGNAMTDDTLRRAFAADMAFLRNCGIHPVVVHGGGPQITAML
RRLGIEGDFKGGFRVTTPEVLDVARMVLFGQVGRELVNLINAHGPYAVGITGEDAQLFTAVRRSVTVDGVATDIGLVGDV
DQVNTAAMLDLVAAGRIPVVSTLAPDADGVVHNINADTAAAAVAEALGAEKLLMLTDIDGLYTRWPDRDSLVSEIDTGTL
AQLLPTLESGMVPKVEACLRAVIGGVPSAHIIDGRVTHCVLVELFTDAGTGTKVVRG
;
_entity_poly.pdbx_strand_id   A
#
# COMPACT_ATOMS: atom_id res chain seq x y z
N ILE A 7 -30.57 -5.97 -0.81
CA ILE A 7 -30.27 -5.29 0.45
C ILE A 7 -31.45 -4.45 0.89
N GLU A 8 -32.48 -4.39 0.05
CA GLU A 8 -33.68 -3.65 0.43
C GLU A 8 -34.60 -4.45 1.32
N ALA A 9 -34.49 -5.78 1.31
CA ALA A 9 -35.20 -6.59 2.30
C ALA A 9 -34.67 -6.37 3.71
N LEU A 10 -33.63 -5.55 3.86
CA LEU A 10 -33.04 -5.24 5.16
C LEU A 10 -33.84 -4.13 5.84
N PRO A 11 -34.34 -4.34 7.06
CA PRO A 11 -35.12 -3.29 7.72
C PRO A 11 -34.36 -1.99 7.84
N THR A 12 -35.09 -0.90 7.66
CA THR A 12 -34.51 0.44 7.67
C THR A 12 -33.89 0.78 9.01
N HIS A 13 -34.41 0.23 10.10
CA HIS A 13 -33.87 0.56 11.41
C HIS A 13 -32.48 -0.06 11.63
N ILE A 14 -32.14 -1.09 10.86
CA ILE A 14 -30.79 -1.66 10.93
C ILE A 14 -29.83 -1.03 9.91
N LYS A 15 -30.33 -0.56 8.76
CA LYS A 15 -29.52 0.33 7.92
C LYS A 15 -29.08 1.54 8.75
N ALA A 16 -30.00 2.07 9.56
CA ALA A 16 -29.69 3.21 10.41
C ALA A 16 -28.55 2.90 11.37
N GLN A 17 -28.65 1.76 12.09
CA GLN A 17 -27.65 1.46 13.11
C GLN A 17 -26.27 1.18 12.52
N VAL A 18 -26.17 0.64 11.30
CA VAL A 18 -24.85 0.35 10.74
C VAL A 18 -24.08 1.64 10.49
N LEU A 19 -24.77 2.62 9.90
CA LEU A 19 -24.17 3.93 9.69
C LEU A 19 -23.88 4.64 10.99
N ALA A 20 -24.76 4.53 11.97
CA ALA A 20 -24.49 5.18 13.25
C ALA A 20 -23.20 4.64 13.88
N GLU A 21 -22.96 3.33 13.74
CA GLU A 21 -21.77 2.73 14.33
C GLU A 21 -20.49 3.11 13.62
N ALA A 22 -20.59 3.78 12.47
CA ALA A 22 -19.39 4.31 11.83
C ALA A 22 -18.86 5.57 12.51
N LEU A 23 -19.64 6.19 13.40
CA LEU A 23 -19.27 7.52 13.86
C LEU A 23 -18.00 7.52 14.72
N PRO A 24 -17.81 6.60 15.68
CA PRO A 24 -16.54 6.59 16.41
C PRO A 24 -15.31 6.56 15.50
N TRP A 25 -15.42 5.98 14.31
CA TRP A 25 -14.24 6.02 13.45
C TRP A 25 -14.20 7.23 12.54
N LEU A 26 -15.36 7.78 12.16
CA LEU A 26 -15.35 9.07 11.47
C LEU A 26 -14.65 10.14 12.33
N LYS A 27 -14.93 10.17 13.64
CA LYS A 27 -14.26 11.14 14.52
C LYS A 27 -12.77 10.88 14.60
N GLN A 28 -12.38 9.61 14.78
CA GLN A 28 -10.97 9.28 14.95
C GLN A 28 -10.16 9.73 13.73
N LEU A 29 -10.75 9.61 12.53
CA LEU A 29 -10.00 9.79 11.29
C LEU A 29 -10.21 11.15 10.66
N HIS A 30 -11.15 11.94 11.17
CA HIS A 30 -11.42 13.27 10.63
C HIS A 30 -10.16 14.11 10.55
N GLY A 31 -9.90 14.64 9.36
CA GLY A 31 -8.76 15.49 9.12
C GLY A 31 -7.43 14.77 9.01
N LYS A 32 -7.42 13.45 8.99
CA LYS A 32 -6.18 12.72 9.15
C LYS A 32 -5.78 12.04 7.85
N VAL A 33 -4.52 11.64 7.81
CA VAL A 33 -3.92 10.94 6.68
C VAL A 33 -4.03 9.44 6.91
N VAL A 34 -4.54 8.73 5.91
CA VAL A 34 -4.57 7.27 5.87
C VAL A 34 -3.85 6.85 4.61
N VAL A 35 -2.77 6.08 4.74
CA VAL A 35 -2.04 5.58 3.59
C VAL A 35 -2.49 4.17 3.29
N VAL A 36 -2.76 3.90 2.02
CA VAL A 36 -3.26 2.60 1.61
C VAL A 36 -2.31 2.01 0.59
N LYS A 37 -1.72 0.85 0.90
CA LYS A 37 -1.09 0.03 -0.12
C LYS A 37 -2.16 -0.78 -0.84
N TYR A 38 -2.16 -0.65 -2.15
CA TYR A 38 -3.16 -1.23 -3.02
C TYR A 38 -2.46 -2.11 -4.03
N GLY A 39 -2.81 -3.38 -4.03
CA GLY A 39 -2.29 -4.36 -4.98
C GLY A 39 -3.14 -5.60 -4.91
N GLY A 40 -2.70 -6.65 -5.59
CA GLY A 40 -3.39 -7.92 -5.50
C GLY A 40 -4.72 -7.98 -6.27
N ASN A 41 -5.57 -8.93 -5.84
CA ASN A 41 -6.86 -9.13 -6.49
C ASN A 41 -7.73 -7.88 -6.43
N ALA A 42 -7.53 -7.02 -5.42
CA ALA A 42 -8.29 -5.78 -5.33
C ALA A 42 -7.93 -4.82 -6.46
N MET A 43 -6.81 -5.09 -7.15
CA MET A 43 -6.33 -4.27 -8.25
C MET A 43 -6.65 -4.86 -9.60
N THR A 44 -6.80 -6.19 -9.67
CA THR A 44 -7.01 -6.87 -10.93
C THR A 44 -8.48 -7.17 -11.23
N ASP A 45 -9.32 -7.31 -10.22
CA ASP A 45 -10.72 -7.63 -10.47
C ASP A 45 -11.53 -6.35 -10.63
N ASP A 46 -12.41 -6.35 -11.61
CA ASP A 46 -13.14 -5.13 -11.97
C ASP A 46 -14.04 -4.64 -10.84
N THR A 47 -14.76 -5.54 -10.20
CA THR A 47 -15.70 -5.12 -9.15
C THR A 47 -14.96 -4.62 -7.92
N LEU A 48 -13.87 -5.29 -7.54
CA LEU A 48 -13.05 -4.82 -6.43
C LEU A 48 -12.38 -3.49 -6.76
N ARG A 49 -11.87 -3.37 -7.98
CA ARG A 49 -11.33 -2.11 -8.48
C ARG A 49 -12.30 -0.96 -8.26
N ARG A 50 -13.51 -1.07 -8.82
CA ARG A 50 -14.44 0.05 -8.75
C ARG A 50 -14.83 0.36 -7.32
N ALA A 51 -14.88 -0.67 -6.46
CA ALA A 51 -15.21 -0.46 -5.07
C ALA A 51 -14.06 0.23 -4.33
N PHE A 52 -12.82 -0.15 -4.65
CA PHE A 52 -11.69 0.51 -4.00
C PHE A 52 -11.68 2.01 -4.30
N ALA A 53 -11.88 2.36 -5.58
CA ALA A 53 -11.89 3.76 -5.98
C ALA A 53 -13.05 4.52 -5.35
N ALA A 54 -14.21 3.88 -5.23
CA ALA A 54 -15.35 4.51 -4.57
C ALA A 54 -15.06 4.75 -3.10
N ASP A 55 -14.32 3.84 -2.47
CA ASP A 55 -13.95 4.00 -1.06
C ASP A 55 -12.99 5.18 -0.87
N MET A 56 -12.00 5.34 -1.77
CA MET A 56 -11.16 6.53 -1.74
C MET A 56 -11.99 7.80 -1.89
N ALA A 57 -13.00 7.77 -2.78
CA ALA A 57 -13.91 8.91 -2.90
C ALA A 57 -14.70 9.11 -1.60
N PHE A 58 -15.12 8.01 -0.97
CA PHE A 58 -15.82 8.07 0.31
C PHE A 58 -15.00 8.81 1.36
N LEU A 59 -13.78 8.32 1.62
CA LEU A 59 -12.91 8.92 2.62
C LEU A 59 -12.80 10.41 2.39
N ARG A 60 -12.56 10.77 1.14
CA ARG A 60 -12.39 12.13 0.69
C ARG A 60 -13.62 12.97 0.93
N ASN A 61 -14.78 12.40 0.71
CA ASN A 61 -16.02 13.11 0.99
C ASN A 61 -16.41 13.05 2.47
N CYS A 62 -15.55 12.49 3.31
CA CYS A 62 -15.67 12.61 4.76
C CYS A 62 -14.62 13.55 5.37
N GLY A 63 -13.81 14.23 4.55
CA GLY A 63 -12.71 15.00 5.11
C GLY A 63 -11.64 14.15 5.76
N ILE A 64 -11.43 12.94 5.25
CA ILE A 64 -10.30 12.08 5.58
C ILE A 64 -9.36 12.20 4.39
N HIS A 65 -8.05 12.00 4.60
CA HIS A 65 -7.04 12.22 3.55
C HIS A 65 -6.36 10.94 3.14
N PRO A 66 -6.89 10.21 2.15
CA PRO A 66 -6.20 9.01 1.67
C PRO A 66 -4.99 9.36 0.81
N VAL A 67 -3.94 8.55 0.97
CA VAL A 67 -2.80 8.55 0.07
C VAL A 67 -2.61 7.10 -0.39
N VAL A 68 -2.68 6.88 -1.71
CA VAL A 68 -2.62 5.54 -2.29
C VAL A 68 -1.23 5.26 -2.85
N VAL A 69 -0.62 4.18 -2.40
CA VAL A 69 0.63 3.66 -2.91
C VAL A 69 0.34 2.32 -3.55
N HIS A 70 0.72 2.14 -4.82
CA HIS A 70 0.34 0.96 -5.57
C HIS A 70 1.56 0.17 -6.06
N GLY A 71 1.37 -1.14 -6.19
CA GLY A 71 2.35 -2.02 -6.78
C GLY A 71 2.00 -2.37 -8.22
N GLY A 72 2.58 -3.46 -8.69
CA GLY A 72 2.32 -3.84 -10.06
C GLY A 72 3.35 -4.80 -10.61
N GLY A 73 3.92 -5.62 -9.74
CA GLY A 73 4.94 -6.57 -10.13
C GLY A 73 4.59 -7.43 -11.33
N PRO A 74 3.47 -8.16 -11.26
CA PRO A 74 3.13 -9.05 -12.39
C PRO A 74 2.94 -8.31 -13.69
N GLN A 75 2.55 -7.04 -13.64
CA GLN A 75 2.34 -6.30 -14.87
C GLN A 75 3.67 -5.93 -15.51
N ILE A 76 4.69 -5.77 -14.69
CA ILE A 76 5.97 -5.42 -15.23
C ILE A 76 6.54 -6.63 -15.92
N THR A 77 6.38 -7.79 -15.31
CA THR A 77 6.86 -9.02 -15.87
C THR A 77 6.26 -9.24 -17.23
N ALA A 78 4.95 -9.11 -17.33
CA ALA A 78 4.28 -9.30 -18.58
C ALA A 78 4.82 -8.37 -19.63
N MET A 79 4.98 -7.10 -19.32
CA MET A 79 5.47 -6.18 -20.35
C MET A 79 6.90 -6.53 -20.78
N LEU A 80 7.76 -6.93 -19.84
CA LEU A 80 9.11 -7.36 -20.20
C LEU A 80 9.07 -8.55 -21.13
N ARG A 81 8.12 -9.47 -20.90
CA ARG A 81 7.97 -10.61 -21.78
C ARG A 81 7.47 -10.17 -23.15
N ARG A 82 6.48 -9.25 -23.17
CA ARG A 82 5.99 -8.75 -24.46
C ARG A 82 7.10 -8.05 -25.25
N LEU A 83 8.08 -7.48 -24.56
CA LEU A 83 9.19 -6.76 -25.17
C LEU A 83 10.38 -7.67 -25.45
N GLY A 84 10.28 -8.96 -25.11
CA GLY A 84 11.39 -9.86 -25.37
C GLY A 84 12.63 -9.51 -24.60
N ILE A 85 12.50 -8.83 -23.46
CA ILE A 85 13.65 -8.44 -22.66
C ILE A 85 14.01 -9.59 -21.72
N GLU A 86 15.12 -10.26 -21.99
CA GLU A 86 15.56 -11.39 -21.18
C GLU A 86 16.09 -10.89 -19.85
N GLY A 87 15.62 -11.51 -18.76
CA GLY A 87 16.04 -11.09 -17.43
C GLY A 87 17.20 -11.90 -16.88
N ASP A 88 17.95 -11.28 -15.99
CA ASP A 88 18.95 -11.97 -15.18
C ASP A 88 18.42 -12.10 -13.77
N PHE A 89 18.68 -13.25 -13.14
CA PHE A 89 18.10 -13.57 -11.84
C PHE A 89 19.20 -14.01 -10.88
N LYS A 90 19.39 -13.23 -9.82
CA LYS A 90 20.23 -13.61 -8.70
C LYS A 90 19.32 -14.06 -7.57
N GLY A 91 19.47 -15.32 -7.15
CA GLY A 91 18.50 -15.86 -6.21
C GLY A 91 17.14 -15.95 -6.89
N GLY A 92 16.13 -15.42 -6.22
CA GLY A 92 14.82 -15.33 -6.84
C GLY A 92 14.50 -13.92 -7.31
N PHE A 93 15.54 -13.10 -7.51
CA PHE A 93 15.38 -11.68 -7.78
C PHE A 93 15.84 -11.36 -9.20
N ARG A 94 15.03 -10.59 -9.92
CA ARG A 94 15.39 -10.07 -11.23
C ARG A 94 16.29 -8.85 -11.09
N VAL A 95 17.34 -8.77 -11.92
CA VAL A 95 18.24 -7.62 -11.88
C VAL A 95 17.60 -6.45 -12.60
N THR A 96 17.46 -5.32 -11.91
CA THR A 96 16.84 -4.14 -12.55
C THR A 96 17.93 -3.37 -13.27
N THR A 97 18.11 -3.67 -14.56
CA THR A 97 19.01 -2.93 -15.42
C THR A 97 18.40 -1.57 -15.74
N PRO A 98 19.14 -0.65 -16.38
CA PRO A 98 18.50 0.60 -16.83
C PRO A 98 17.29 0.35 -17.69
N GLU A 99 17.37 -0.66 -18.56
CA GLU A 99 16.27 -1.01 -19.45
C GLU A 99 15.05 -1.51 -18.68
N VAL A 100 15.27 -2.31 -17.65
CA VAL A 100 14.12 -2.87 -16.87
C VAL A 100 13.45 -1.73 -16.09
N LEU A 101 14.24 -0.80 -15.57
CA LEU A 101 13.67 0.35 -14.82
C LEU A 101 12.76 1.15 -15.74
N ASP A 102 13.24 1.47 -16.92
CA ASP A 102 12.42 2.27 -17.86
C ASP A 102 11.09 1.56 -18.07
N VAL A 103 11.11 0.23 -18.22
CA VAL A 103 9.87 -0.51 -18.41
C VAL A 103 9.02 -0.47 -17.14
N ALA A 104 9.64 -0.73 -15.99
CA ALA A 104 8.93 -0.65 -14.72
C ALA A 104 8.27 0.72 -14.58
N ARG A 105 9.06 1.79 -14.69
CA ARG A 105 8.53 3.14 -14.55
C ARG A 105 7.36 3.37 -15.48
N MET A 106 7.54 3.00 -16.75
CA MET A 106 6.52 3.23 -17.77
C MET A 106 5.27 2.39 -17.50
N VAL A 107 5.41 1.20 -16.92
CA VAL A 107 4.25 0.39 -16.59
C VAL A 107 3.56 0.90 -15.31
N LEU A 108 4.33 1.08 -14.24
CA LEU A 108 3.78 1.56 -12.98
C LEU A 108 3.06 2.89 -13.15
N PHE A 109 3.78 3.89 -13.66
CA PHE A 109 3.25 5.25 -13.76
C PHE A 109 2.38 5.44 -15.01
N GLY A 110 2.76 4.88 -16.15
CA GLY A 110 1.96 5.17 -17.33
C GLY A 110 0.85 4.18 -17.64
N GLN A 111 0.71 3.10 -16.88
CA GLN A 111 -0.35 2.10 -17.07
C GLN A 111 -1.15 1.86 -15.81
N VAL A 112 -0.51 1.30 -14.78
CA VAL A 112 -1.22 0.88 -13.57
C VAL A 112 -1.78 2.11 -12.83
N GLY A 113 -0.93 3.12 -12.61
CA GLY A 113 -1.40 4.32 -11.92
C GLY A 113 -2.53 5.01 -12.66
N ARG A 114 -2.48 5.00 -13.99
CA ARG A 114 -3.52 5.63 -14.79
C ARG A 114 -4.88 5.00 -14.55
N GLU A 115 -4.96 3.67 -14.49
CA GLU A 115 -6.24 3.02 -14.27
C GLU A 115 -6.88 3.49 -12.98
N LEU A 116 -6.09 3.56 -11.91
CA LEU A 116 -6.65 3.96 -10.62
C LEU A 116 -7.03 5.44 -10.61
N VAL A 117 -6.22 6.29 -11.23
CA VAL A 117 -6.54 7.71 -11.31
C VAL A 117 -7.88 7.91 -12.00
N ASN A 118 -8.10 7.16 -13.08
CA ASN A 118 -9.33 7.36 -13.84
C ASN A 118 -10.52 6.77 -13.11
N LEU A 119 -10.31 5.68 -12.36
CA LEU A 119 -11.39 5.10 -11.57
C LEU A 119 -11.82 6.05 -10.46
N ILE A 120 -10.87 6.46 -9.65
CA ILE A 120 -11.17 7.39 -8.61
C ILE A 120 -11.81 8.62 -9.19
N ASN A 121 -11.22 9.18 -10.23
CA ASN A 121 -11.76 10.40 -10.81
C ASN A 121 -13.10 10.33 -11.48
N ALA A 122 -13.74 9.19 -11.40
CA ALA A 122 -15.07 9.09 -11.93
C ALA A 122 -16.03 9.71 -10.93
N HIS A 123 -15.55 9.88 -9.69
CA HIS A 123 -16.32 10.45 -8.61
C HIS A 123 -16.01 11.90 -8.37
N GLY A 124 -15.03 12.44 -9.07
CA GLY A 124 -14.65 13.83 -8.89
C GLY A 124 -13.21 14.11 -9.20
N PRO A 125 -12.84 15.44 -9.15
CA PRO A 125 -11.44 15.70 -9.46
C PRO A 125 -10.50 15.46 -8.30
N TYR A 126 -10.37 14.21 -7.90
CA TYR A 126 -9.53 13.91 -6.77
C TYR A 126 -8.15 13.36 -7.02
N ALA A 127 -8.04 12.28 -7.75
CA ALA A 127 -6.77 11.63 -7.97
C ALA A 127 -5.74 12.34 -8.82
N VAL A 128 -4.50 12.20 -8.40
CA VAL A 128 -3.38 12.80 -9.07
C VAL A 128 -2.22 11.84 -8.97
N GLY A 129 -1.62 11.50 -10.09
CA GLY A 129 -0.52 10.58 -10.08
C GLY A 129 0.82 11.22 -9.90
N ILE A 130 1.70 10.55 -9.17
CA ILE A 130 3.00 11.09 -8.93
C ILE A 130 4.02 10.03 -8.61
N THR A 131 5.27 10.37 -8.82
CA THR A 131 6.36 9.50 -8.46
C THR A 131 7.24 10.40 -7.66
N GLY A 132 8.29 9.85 -7.08
CA GLY A 132 9.19 10.65 -6.31
C GLY A 132 9.95 11.61 -7.20
N GLU A 133 9.77 11.48 -8.50
CA GLU A 133 10.45 12.35 -9.42
C GLU A 133 9.78 13.70 -9.48
N ASP A 134 8.47 13.70 -9.42
CA ASP A 134 7.72 14.92 -9.51
C ASP A 134 7.93 15.83 -8.32
N ALA A 135 8.19 17.09 -8.59
CA ALA A 135 8.41 18.10 -7.54
C ALA A 135 9.39 17.61 -6.47
N GLN A 136 10.25 16.65 -6.80
CA GLN A 136 11.24 16.08 -5.88
C GLN A 136 10.56 15.57 -4.60
N LEU A 137 9.45 14.84 -4.78
CA LEU A 137 8.63 14.49 -3.62
C LEU A 137 9.33 13.50 -2.70
N PHE A 138 10.07 12.55 -3.27
CA PHE A 138 10.91 11.69 -2.44
C PHE A 138 12.06 11.14 -3.24
N THR A 139 13.13 10.83 -2.53
CA THR A 139 14.33 10.24 -3.07
C THR A 139 14.43 8.77 -2.69
N ALA A 140 15.34 8.08 -3.35
CA ALA A 140 15.56 6.67 -3.11
C ALA A 140 17.03 6.44 -2.77
N VAL A 141 17.28 5.38 -2.00
CA VAL A 141 18.64 4.95 -1.73
C VAL A 141 18.76 3.50 -2.18
N ARG A 142 19.77 3.21 -2.98
CA ARG A 142 19.96 1.87 -3.52
C ARG A 142 20.05 0.86 -2.39
N ARG A 143 19.31 -0.24 -2.53
CA ARG A 143 19.28 -1.30 -1.54
C ARG A 143 19.91 -2.56 -2.13
N SER A 144 20.47 -3.39 -1.24
CA SER A 144 20.98 -4.70 -1.62
C SER A 144 20.08 -5.77 -1.02
N VAL A 145 20.24 -6.98 -1.52
CA VAL A 145 19.41 -8.05 -1.03
C VAL A 145 20.21 -9.23 -0.54
N THR A 146 19.56 -10.04 0.27
CA THR A 146 20.20 -11.23 0.83
C THR A 146 19.85 -12.48 0.06
N VAL A 147 20.81 -13.06 -0.62
CA VAL A 147 20.57 -14.27 -1.37
C VAL A 147 21.26 -15.42 -0.69
N ASP A 148 20.47 -16.26 -0.01
CA ASP A 148 20.96 -17.43 0.69
C ASP A 148 22.22 -17.07 1.44
N GLY A 149 22.07 -16.27 2.48
CA GLY A 149 23.21 -15.86 3.25
C GLY A 149 23.87 -14.56 2.87
N VAL A 150 24.29 -14.40 1.63
CA VAL A 150 24.98 -13.16 1.21
C VAL A 150 24.13 -12.06 0.55
N ALA A 151 24.41 -10.83 0.94
CA ALA A 151 23.71 -9.68 0.40
C ALA A 151 24.29 -9.39 -0.96
N THR A 152 23.43 -9.04 -1.90
CA THR A 152 23.89 -8.79 -3.26
C THR A 152 23.19 -7.67 -3.99
N ASP A 153 23.83 -7.21 -5.07
CA ASP A 153 23.34 -6.13 -5.89
C ASP A 153 22.45 -6.63 -7.02
N ILE A 154 21.26 -6.08 -7.11
CA ILE A 154 20.29 -6.47 -8.13
C ILE A 154 19.81 -5.23 -8.87
N GLY A 155 20.72 -4.30 -9.14
CA GLY A 155 20.39 -3.17 -9.99
C GLY A 155 19.76 -1.99 -9.28
N LEU A 156 18.95 -1.21 -10.02
CA LEU A 156 18.38 0.07 -9.57
C LEU A 156 17.09 -0.15 -8.79
N VAL A 157 17.25 -0.76 -7.62
CA VAL A 157 16.16 -1.03 -6.70
C VAL A 157 16.55 -0.41 -5.38
N GLY A 158 15.59 0.19 -4.69
CA GLY A 158 15.96 0.91 -3.50
C GLY A 158 14.85 1.03 -2.50
N ASP A 159 15.17 1.69 -1.39
CA ASP A 159 14.23 2.07 -0.36
C ASP A 159 14.01 3.57 -0.42
N VAL A 160 12.85 4.00 0.05
CA VAL A 160 12.60 5.44 0.13
C VAL A 160 13.66 6.06 1.04
N ASP A 161 14.28 7.15 0.57
CA ASP A 161 15.33 7.78 1.38
C ASP A 161 14.75 8.92 2.21
N GLN A 162 14.44 10.07 1.59
CA GLN A 162 13.78 11.18 2.27
C GLN A 162 12.47 11.51 1.56
N VAL A 163 11.52 12.05 2.30
CA VAL A 163 10.21 12.41 1.77
C VAL A 163 10.01 13.89 1.96
N ASN A 164 9.50 14.57 0.92
CA ASN A 164 9.15 15.97 1.03
C ASN A 164 7.81 16.03 1.76
N THR A 165 7.87 15.89 3.08
CA THR A 165 6.66 15.84 3.89
C THR A 165 5.79 17.07 3.66
N ALA A 166 6.40 18.25 3.65
CA ALA A 166 5.65 19.49 3.51
C ALA A 166 4.90 19.54 2.18
N ALA A 167 5.61 19.35 1.07
CA ALA A 167 4.95 19.44 -0.23
C ALA A 167 3.89 18.34 -0.39
N MET A 168 4.10 17.18 0.21
CA MET A 168 3.10 16.12 0.09
C MET A 168 1.80 16.49 0.80
N LEU A 169 1.89 17.08 2.00
CA LEU A 169 0.70 17.44 2.75
C LEU A 169 0.01 18.69 2.21
N ASP A 170 0.77 19.62 1.60
CA ASP A 170 0.14 20.65 0.78
C ASP A 170 -0.71 20.02 -0.32
N LEU A 171 -0.16 19.03 -1.02
CA LEU A 171 -0.92 18.39 -2.09
C LEU A 171 -2.20 17.77 -1.54
N VAL A 172 -2.14 17.22 -0.33
CA VAL A 172 -3.29 16.59 0.29
C VAL A 172 -4.25 17.63 0.88
N ALA A 173 -3.72 18.69 1.50
CA ALA A 173 -4.59 19.75 1.99
C ALA A 173 -5.33 20.44 0.84
N ALA A 174 -4.70 20.53 -0.34
CA ALA A 174 -5.41 21.03 -1.50
C ALA A 174 -6.57 20.13 -1.92
N GLY A 175 -6.77 19.00 -1.24
CA GLY A 175 -7.88 18.12 -1.53
C GLY A 175 -7.59 17.00 -2.50
N ARG A 176 -6.33 16.75 -2.80
CA ARG A 176 -6.04 15.75 -3.86
C ARG A 176 -5.72 14.39 -3.26
N ILE A 177 -6.10 13.32 -3.95
CA ILE A 177 -5.71 11.95 -3.50
C ILE A 177 -4.45 11.58 -4.27
N PRO A 178 -3.26 11.61 -3.64
CA PRO A 178 -2.05 11.25 -4.33
C PRO A 178 -2.01 9.76 -4.67
N VAL A 179 -1.92 9.44 -5.95
CA VAL A 179 -1.74 8.02 -6.36
C VAL A 179 -0.25 7.86 -6.64
N VAL A 180 0.46 7.16 -5.77
CA VAL A 180 1.89 7.03 -5.89
C VAL A 180 2.48 5.79 -6.53
N SER A 181 3.29 6.00 -7.56
CA SER A 181 4.01 4.95 -8.24
C SER A 181 5.36 5.05 -7.59
N THR A 182 5.85 3.96 -7.05
CA THR A 182 7.09 3.95 -6.31
C THR A 182 8.42 4.02 -7.02
N LEU A 183 8.66 5.12 -7.71
CA LEU A 183 9.92 5.32 -8.37
C LEU A 183 10.46 6.65 -7.92
N ALA A 184 11.73 6.74 -7.66
CA ALA A 184 12.31 7.99 -7.21
C ALA A 184 13.76 8.06 -7.54
N PRO A 185 14.29 9.26 -7.69
CA PRO A 185 15.71 9.40 -7.99
C PRO A 185 16.54 9.21 -6.73
N ASP A 186 17.77 8.74 -6.92
CA ASP A 186 18.73 8.71 -5.82
C ASP A 186 19.36 10.10 -5.70
N ALA A 187 20.36 10.24 -4.83
CA ALA A 187 20.98 11.54 -4.64
C ALA A 187 21.70 12.05 -5.89
N ASP A 188 21.95 11.20 -6.88
CA ASP A 188 22.58 11.63 -8.12
C ASP A 188 21.59 11.79 -9.26
N GLY A 189 20.29 11.62 -9.00
CA GLY A 189 19.30 11.77 -10.06
C GLY A 189 18.98 10.50 -10.83
N VAL A 190 19.56 9.37 -10.47
CA VAL A 190 19.29 8.12 -11.15
C VAL A 190 18.06 7.47 -10.49
N VAL A 191 17.01 7.26 -11.30
CA VAL A 191 15.74 6.81 -10.76
C VAL A 191 15.82 5.32 -10.44
N HIS A 192 15.35 4.95 -9.25
CA HIS A 192 15.28 3.56 -8.80
C HIS A 192 13.82 3.16 -8.63
N ASN A 193 13.57 1.85 -8.67
CA ASN A 193 12.26 1.31 -8.37
C ASN A 193 12.24 0.84 -6.93
N ILE A 194 11.14 1.11 -6.23
CA ILE A 194 11.06 0.84 -4.80
C ILE A 194 9.94 -0.17 -4.56
N ASN A 195 10.21 -1.19 -3.73
CA ASN A 195 9.16 -2.10 -3.31
C ASN A 195 7.98 -1.29 -2.79
N ALA A 196 6.79 -1.58 -3.32
CA ALA A 196 5.64 -0.74 -3.02
C ALA A 196 5.19 -0.89 -1.58
N ASP A 197 5.35 -2.08 -1.00
CA ASP A 197 4.99 -2.28 0.40
C ASP A 197 5.86 -1.41 1.31
N THR A 198 7.18 -1.47 1.14
CA THR A 198 8.06 -0.69 2.02
C THR A 198 7.90 0.80 1.77
N ALA A 199 7.57 1.20 0.54
CA ALA A 199 7.35 2.60 0.27
C ALA A 199 6.09 3.10 1.00
N ALA A 200 5.04 2.28 1.04
CA ALA A 200 3.83 2.67 1.76
C ALA A 200 4.15 2.92 3.23
N ALA A 201 4.93 2.02 3.83
CA ALA A 201 5.36 2.21 5.21
C ALA A 201 6.16 3.50 5.40
N ALA A 202 6.98 3.88 4.42
CA ALA A 202 7.79 5.09 4.59
C ALA A 202 6.95 6.35 4.40
N VAL A 203 6.02 6.34 3.43
CA VAL A 203 5.12 7.48 3.25
C VAL A 203 4.23 7.66 4.47
N ALA A 204 3.65 6.57 4.97
CA ALA A 204 2.79 6.65 6.16
C ALA A 204 3.52 7.29 7.32
N GLU A 205 4.75 6.83 7.60
CA GLU A 205 5.49 7.39 8.72
C GLU A 205 5.91 8.83 8.46
N ALA A 206 6.33 9.14 7.24
CA ALA A 206 6.78 10.50 6.94
C ALA A 206 5.63 11.50 7.10
N LEU A 207 4.43 11.13 6.63
CA LEU A 207 3.31 12.05 6.63
C LEU A 207 2.51 12.04 7.92
N GLY A 208 2.99 11.38 8.97
CA GLY A 208 2.21 11.30 10.20
C GLY A 208 0.85 10.68 10.00
N ALA A 209 0.76 9.60 9.23
CA ALA A 209 -0.53 8.97 8.98
C ALA A 209 -1.13 8.42 10.28
N GLU A 210 -2.45 8.45 10.35
CA GLU A 210 -3.14 7.84 11.49
C GLU A 210 -3.19 6.31 11.36
N LYS A 211 -3.36 5.80 10.13
CA LYS A 211 -3.43 4.37 9.89
C LYS A 211 -2.67 4.03 8.61
N LEU A 212 -2.10 2.83 8.57
CA LEU A 212 -1.59 2.22 7.34
C LEU A 212 -2.46 1.00 7.04
N LEU A 213 -3.08 0.99 5.85
CA LEU A 213 -3.83 -0.15 5.36
C LEU A 213 -3.01 -0.84 4.27
N MET A 214 -2.85 -2.15 4.40
CA MET A 214 -2.10 -2.99 3.46
C MET A 214 -3.08 -4.00 2.87
N LEU A 215 -3.57 -3.76 1.67
CA LEU A 215 -4.45 -4.75 1.04
C LEU A 215 -3.64 -5.95 0.58
N THR A 216 -4.09 -7.15 0.97
CA THR A 216 -3.38 -8.42 0.76
C THR A 216 -4.40 -9.47 0.33
N ASP A 217 -3.93 -10.47 -0.42
CA ASP A 217 -4.80 -11.59 -0.80
C ASP A 217 -4.79 -12.68 0.28
N ILE A 218 -5.18 -12.31 1.50
CA ILE A 218 -5.32 -13.26 2.60
C ILE A 218 -6.27 -12.66 3.63
N ASP A 219 -6.86 -13.53 4.47
CA ASP A 219 -7.79 -13.05 5.51
C ASP A 219 -7.08 -12.22 6.55
N GLY A 220 -5.83 -12.53 6.84
CA GLY A 220 -5.08 -11.86 7.89
C GLY A 220 -3.87 -12.69 8.22
N LEU A 221 -3.13 -12.22 9.22
CA LEU A 221 -1.92 -12.90 9.63
C LEU A 221 -2.26 -14.18 10.40
N TYR A 222 -1.70 -15.29 9.94
CA TYR A 222 -1.78 -16.56 10.64
C TYR A 222 -0.47 -16.80 11.38
N THR A 223 -0.57 -17.16 12.67
CA THR A 223 0.61 -17.52 13.44
C THR A 223 1.23 -18.80 12.91
N ARG A 224 0.41 -19.85 12.81
CA ARG A 224 0.85 -21.17 12.40
C ARG A 224 0.03 -21.60 11.18
N TRP A 225 0.20 -20.88 10.06
CA TRP A 225 -0.44 -21.31 8.82
C TRP A 225 0.00 -22.72 8.53
N PRO A 226 -0.91 -23.59 8.08
CA PRO A 226 -2.34 -23.56 7.71
C PRO A 226 -3.38 -23.57 8.84
N ASP A 227 -2.99 -23.76 10.12
CA ASP A 227 -3.98 -23.83 11.21
C ASP A 227 -4.95 -22.65 11.14
N ARG A 228 -6.22 -22.95 10.84
CA ARG A 228 -7.21 -21.89 10.73
C ARG A 228 -7.40 -21.16 12.05
N ASP A 229 -7.26 -21.87 13.17
CA ASP A 229 -7.42 -21.26 14.49
C ASP A 229 -6.29 -20.30 14.83
N SER A 230 -5.17 -20.33 14.10
CA SER A 230 -4.00 -19.52 14.42
C SER A 230 -4.12 -18.08 13.93
N LEU A 231 -5.23 -17.72 13.31
CA LEU A 231 -5.40 -16.38 12.76
C LEU A 231 -5.66 -15.38 13.89
N VAL A 232 -4.85 -14.33 13.94
CA VAL A 232 -4.89 -13.35 15.04
C VAL A 232 -5.55 -12.07 14.56
N SER A 233 -6.11 -11.33 15.52
CA SER A 233 -6.86 -10.12 15.20
C SER A 233 -6.10 -8.84 15.48
N GLU A 234 -5.14 -8.90 16.39
CA GLU A 234 -4.33 -7.77 16.79
C GLU A 234 -3.04 -8.31 17.40
N ILE A 235 -1.94 -7.58 17.19
CA ILE A 235 -0.65 -8.03 17.69
C ILE A 235 0.28 -6.83 17.82
N ASP A 236 1.19 -6.90 18.77
CA ASP A 236 2.17 -5.84 19.01
C ASP A 236 3.44 -6.09 18.21
N THR A 237 4.21 -5.01 17.99
CA THR A 237 5.40 -5.10 17.14
C THR A 237 6.43 -6.06 17.72
N GLY A 238 6.62 -6.04 19.04
CA GLY A 238 7.60 -6.94 19.64
C GLY A 238 7.28 -8.39 19.38
N THR A 239 6.03 -8.79 19.61
CA THR A 239 5.63 -10.17 19.34
C THR A 239 5.79 -10.50 17.87
N LEU A 240 5.30 -9.61 17.01
CA LEU A 240 5.29 -9.88 15.58
C LEU A 240 6.71 -9.93 15.01
N ALA A 241 7.63 -9.16 15.56
CA ALA A 241 9.02 -9.20 15.09
C ALA A 241 9.65 -10.57 15.34
N GLN A 242 9.51 -11.07 16.57
CA GLN A 242 10.02 -12.41 16.86
C GLN A 242 9.31 -13.48 16.03
N LEU A 243 8.12 -13.17 15.52
CA LEU A 243 7.33 -14.11 14.74
C LEU A 243 7.68 -14.07 13.25
N LEU A 244 8.36 -13.04 12.78
CA LEU A 244 8.46 -12.76 11.34
C LEU A 244 9.28 -13.81 10.57
N PRO A 245 10.36 -14.31 11.10
CA PRO A 245 11.15 -15.29 10.35
C PRO A 245 10.45 -16.64 10.19
N THR A 246 9.15 -16.68 10.39
CA THR A 246 8.41 -17.91 10.31
C THR A 246 7.34 -17.94 9.25
N LEU A 247 7.08 -16.81 8.60
CA LEU A 247 6.00 -16.75 7.65
C LEU A 247 6.22 -17.00 6.18
N GLU A 248 5.15 -17.41 5.51
CA GLU A 248 5.21 -17.62 4.07
C GLU A 248 5.97 -16.48 3.39
N SER A 249 6.68 -16.83 2.32
CA SER A 249 7.53 -15.86 1.63
C SER A 249 6.79 -14.57 1.32
N GLY A 250 5.50 -14.68 0.95
CA GLY A 250 4.75 -13.52 0.53
C GLY A 250 4.34 -12.57 1.64
N MET A 251 4.27 -13.05 2.87
CA MET A 251 3.83 -12.22 3.98
C MET A 251 4.93 -11.34 4.56
N VAL A 252 6.20 -11.72 4.36
CA VAL A 252 7.30 -10.94 4.91
C VAL A 252 7.22 -9.46 4.53
N PRO A 253 7.12 -9.08 3.25
CA PRO A 253 7.09 -7.63 2.93
C PRO A 253 5.93 -6.89 3.57
N LYS A 254 4.72 -7.47 3.55
CA LYS A 254 3.57 -6.80 4.16
C LYS A 254 3.80 -6.61 5.66
N VAL A 255 4.45 -7.59 6.31
CA VAL A 255 4.68 -7.54 7.74
C VAL A 255 5.79 -6.54 8.08
N GLU A 256 6.90 -6.60 7.33
CA GLU A 256 7.99 -5.67 7.56
C GLU A 256 7.52 -4.22 7.42
N ALA A 257 6.60 -3.98 6.48
CA ALA A 257 6.03 -2.64 6.34
C ALA A 257 5.31 -2.23 7.62
N CYS A 258 4.48 -3.11 8.16
CA CYS A 258 3.72 -2.76 9.35
C CYS A 258 4.64 -2.46 10.53
N LEU A 259 5.75 -3.20 10.67
CA LEU A 259 6.66 -2.92 11.79
C LEU A 259 7.36 -1.59 11.59
N ARG A 260 7.99 -1.39 10.44
CA ARG A 260 8.66 -0.14 10.17
C ARG A 260 7.73 1.04 10.42
N ALA A 261 6.46 0.92 10.00
CA ALA A 261 5.52 2.01 10.16
C ALA A 261 5.14 2.21 11.62
N VAL A 262 4.68 1.13 12.27
CA VAL A 262 4.17 1.27 13.63
C VAL A 262 5.28 1.65 14.59
N ILE A 263 6.46 1.05 14.45
CA ILE A 263 7.60 1.47 15.23
C ILE A 263 7.89 2.94 14.96
N GLY A 264 7.78 3.35 13.70
CA GLY A 264 8.01 4.74 13.33
C GLY A 264 6.95 5.71 13.78
N GLY A 265 5.97 5.29 14.58
CA GLY A 265 5.03 6.22 15.17
C GLY A 265 3.63 6.20 14.58
N VAL A 266 3.40 5.48 13.49
CA VAL A 266 2.06 5.34 12.95
C VAL A 266 1.24 4.55 13.98
N PRO A 267 0.12 5.10 14.46
CA PRO A 267 -0.61 4.45 15.56
C PRO A 267 -1.01 3.01 15.27
N SER A 268 -1.45 2.68 14.07
CA SER A 268 -1.73 1.28 13.76
C SER A 268 -1.55 1.03 12.27
N ALA A 269 -1.14 -0.19 11.94
CA ALA A 269 -1.05 -0.69 10.58
C ALA A 269 -1.90 -1.95 10.46
N HIS A 270 -2.64 -2.09 9.37
CA HIS A 270 -3.60 -3.17 9.23
C HIS A 270 -3.29 -3.97 7.97
N ILE A 271 -3.31 -5.29 8.12
CA ILE A 271 -3.23 -6.21 6.99
C ILE A 271 -4.65 -6.69 6.75
N ILE A 272 -5.27 -6.25 5.66
CA ILE A 272 -6.69 -6.51 5.43
C ILE A 272 -6.84 -7.28 4.11
N ASP A 273 -7.98 -7.97 3.99
CA ASP A 273 -8.29 -8.86 2.89
C ASP A 273 -8.75 -8.06 1.66
N GLY A 274 -7.85 -7.89 0.69
CA GLY A 274 -8.18 -7.18 -0.55
C GLY A 274 -9.14 -7.90 -1.46
N ARG A 275 -9.52 -9.15 -1.16
CA ARG A 275 -10.50 -9.84 -1.97
C ARG A 275 -11.93 -9.59 -1.51
N VAL A 276 -12.10 -8.85 -0.43
CA VAL A 276 -13.41 -8.49 0.11
C VAL A 276 -13.81 -7.14 -0.50
N THR A 277 -14.95 -7.10 -1.17
CA THR A 277 -15.44 -5.84 -1.70
C THR A 277 -15.60 -4.80 -0.60
N HIS A 278 -15.03 -3.60 -0.83
CA HIS A 278 -15.07 -2.48 0.11
C HIS A 278 -14.36 -2.83 1.42
N CYS A 279 -13.31 -3.64 1.31
CA CYS A 279 -12.50 -3.95 2.49
C CYS A 279 -12.05 -2.69 3.21
N VAL A 280 -11.82 -1.59 2.50
CA VAL A 280 -11.40 -0.35 3.18
C VAL A 280 -12.51 0.14 4.11
N LEU A 281 -13.74 0.20 3.62
CA LEU A 281 -14.83 0.66 4.47
C LEU A 281 -15.07 -0.28 5.65
N VAL A 282 -14.95 -1.60 5.45
CA VAL A 282 -15.23 -2.49 6.58
C VAL A 282 -14.11 -2.37 7.62
N GLU A 283 -12.86 -2.22 7.17
CA GLU A 283 -11.78 -2.11 8.15
C GLU A 283 -11.85 -0.79 8.92
N LEU A 284 -12.24 0.31 8.26
CA LEU A 284 -12.18 1.61 8.91
C LEU A 284 -13.44 1.97 9.69
N PHE A 285 -14.62 1.52 9.25
CA PHE A 285 -15.88 2.02 9.79
C PHE A 285 -16.72 0.93 10.42
N THR A 286 -16.10 -0.19 10.77
CA THR A 286 -16.82 -1.35 11.25
C THR A 286 -15.91 -2.10 12.22
N ASP A 287 -16.50 -2.84 13.15
CA ASP A 287 -15.71 -3.68 14.04
C ASP A 287 -15.65 -5.12 13.58
N ALA A 288 -16.32 -5.43 12.47
CA ALA A 288 -16.42 -6.80 11.96
C ALA A 288 -15.33 -7.13 10.96
N GLY A 289 -14.25 -6.36 10.95
CA GLY A 289 -13.22 -6.56 9.94
C GLY A 289 -12.49 -7.88 10.10
N THR A 290 -11.99 -8.37 8.99
CA THR A 290 -11.20 -9.59 8.95
C THR A 290 -9.70 -9.35 9.09
N GLY A 291 -9.23 -8.11 8.91
CA GLY A 291 -7.81 -7.85 8.94
C GLY A 291 -7.18 -8.13 10.29
N THR A 292 -5.87 -7.92 10.41
CA THR A 292 -5.18 -7.98 11.70
C THR A 292 -4.48 -6.63 11.96
N LYS A 293 -4.69 -6.07 13.13
CA LYS A 293 -4.18 -4.74 13.49
C LYS A 293 -2.85 -4.86 14.23
N VAL A 294 -1.82 -4.16 13.75
CA VAL A 294 -0.52 -4.10 14.42
C VAL A 294 -0.40 -2.76 15.16
N VAL A 295 -0.05 -2.82 16.45
CA VAL A 295 0.24 -1.62 17.24
C VAL A 295 1.54 -1.82 18.02
N ARG A 296 2.02 -0.74 18.63
CA ARG A 296 3.35 -0.71 19.22
C ARG A 296 3.41 -1.49 20.52
N GLY A 297 4.53 -2.20 20.72
CA GLY A 297 4.77 -2.93 21.95
C GLY A 297 5.80 -4.03 21.79
#